data_1JNU
#
_entry.id   1JNU
#
_cell.length_a   44.843
_cell.length_b   54.771
_cell.length_c   70.963
_cell.angle_alpha   93.14
_cell.angle_beta   93.79
_cell.angle_gamma   90.40
#
_symmetry.space_group_name_H-M   'P 1'
#
loop_
_entity.id
_entity.type
_entity.pdbx_description
1 polymer 'PHY3 PROTEIN'
2 non-polymer 'FLAVIN MONONUCLEOTIDE'
3 water water
#
_entity_poly.entity_id   1
_entity_poly.type   'polypeptide(L)'
_entity_poly.pdbx_seq_one_letter_code
;KSFVITDPRLPDNPIIFASDRFLELTEYTREEVLGNNCRFLQGRGTDRKAVQLIRDAVKEQRDVTVQVLNYTKGGRAFWN
LFHLQVMRDENGDVQYFIGVQQEM
;
_entity_poly.pdbx_strand_id   A,B,C,D
#
# COMPACT_ATOMS: atom_id res chain seq x y z
N LYS A 1 22.31 11.84 -24.33
CA LYS A 1 22.43 11.29 -25.72
C LYS A 1 21.21 11.62 -26.59
N SER A 2 21.27 11.24 -27.86
CA SER A 2 20.15 11.46 -28.77
C SER A 2 19.23 10.26 -28.63
N PHE A 3 17.95 10.49 -28.35
CA PHE A 3 17.01 9.40 -28.22
C PHE A 3 15.58 9.88 -28.31
N VAL A 4 14.68 8.95 -28.62
CA VAL A 4 13.27 9.28 -28.71
C VAL A 4 12.49 8.17 -28.04
N ILE A 5 11.23 8.45 -27.73
CA ILE A 5 10.38 7.47 -27.09
C ILE A 5 9.12 7.37 -27.93
N THR A 6 8.77 6.15 -28.33
CA THR A 6 7.56 5.96 -29.12
C THR A 6 6.51 5.17 -28.35
N ASP A 7 5.24 5.39 -28.69
CA ASP A 7 4.13 4.71 -28.03
C ASP A 7 3.42 3.83 -29.06
N PRO A 8 3.71 2.51 -29.06
CA PRO A 8 3.12 1.53 -29.98
C PRO A 8 1.64 1.26 -29.75
N ARG A 9 1.08 1.84 -28.68
CA ARG A 9 -0.33 1.63 -28.41
C ARG A 9 -1.14 2.69 -29.16
N LEU A 10 -0.44 3.53 -29.92
CA LEU A 10 -1.12 4.54 -30.70
C LEU A 10 -1.01 4.13 -32.16
N PRO A 11 -1.89 4.68 -33.03
CA PRO A 11 -1.84 4.31 -34.45
C PRO A 11 -0.56 4.79 -35.14
N ASP A 12 0.15 3.83 -35.72
CA ASP A 12 1.39 4.04 -36.46
C ASP A 12 2.64 4.20 -35.58
N ASN A 13 2.50 3.90 -34.28
CA ASN A 13 3.63 3.92 -33.36
C ASN A 13 4.43 5.24 -33.38
N PRO A 14 3.76 6.39 -33.17
CA PRO A 14 4.31 7.75 -33.16
C PRO A 14 5.34 8.10 -32.09
N ILE A 15 6.24 9.02 -32.45
CA ILE A 15 7.24 9.51 -31.53
C ILE A 15 6.52 10.47 -30.60
N ILE A 16 6.54 10.17 -29.30
CA ILE A 16 5.89 11.01 -28.29
C ILE A 16 6.90 11.83 -27.51
N PHE A 17 8.18 11.50 -27.63
CA PHE A 17 9.21 12.24 -26.91
C PHE A 17 10.54 12.19 -27.66
N ALA A 18 11.23 13.32 -27.74
CA ALA A 18 12.51 13.40 -28.45
C ALA A 18 13.45 14.31 -27.67
N SER A 19 14.61 13.78 -27.28
CA SER A 19 15.58 14.56 -26.52
C SER A 19 16.08 15.70 -27.40
N ASP A 20 16.76 16.69 -26.79
CA ASP A 20 17.25 17.82 -27.54
C ASP A 20 18.32 17.45 -28.57
N ARG A 21 19.31 16.67 -28.14
CA ARG A 21 20.37 16.26 -29.07
C ARG A 21 19.79 15.63 -30.35
N PHE A 22 18.65 14.95 -30.25
CA PHE A 22 18.04 14.34 -31.41
C PHE A 22 17.61 15.39 -32.44
N LEU A 23 16.91 16.42 -31.96
CA LEU A 23 16.44 17.51 -32.82
C LEU A 23 17.63 18.26 -33.41
N GLU A 24 18.70 18.35 -32.64
CA GLU A 24 19.90 19.01 -33.10
C GLU A 24 20.44 18.18 -34.28
N LEU A 25 20.68 16.90 -34.02
CA LEU A 25 21.21 15.96 -35.03
C LEU A 25 20.40 15.89 -36.32
N THR A 26 19.08 15.89 -36.22
CA THR A 26 18.26 15.81 -37.44
C THR A 26 17.80 17.16 -37.99
N GLU A 27 18.11 18.24 -37.27
CA GLU A 27 17.74 19.59 -37.73
C GLU A 27 16.24 19.85 -37.81
N TYR A 28 15.42 19.02 -37.18
CA TYR A 28 13.98 19.26 -37.20
C TYR A 28 13.54 19.99 -35.93
N THR A 29 12.28 20.39 -35.91
CA THR A 29 11.73 21.08 -34.77
C THR A 29 10.72 20.16 -34.09
N ARG A 30 10.72 20.16 -32.75
CA ARG A 30 9.83 19.31 -31.96
C ARG A 30 8.39 19.25 -32.46
N GLU A 31 7.87 20.36 -32.95
CA GLU A 31 6.49 20.37 -33.43
C GLU A 31 6.34 19.47 -34.66
N GLU A 32 7.42 19.36 -35.43
CA GLU A 32 7.39 18.54 -36.64
C GLU A 32 7.44 17.04 -36.34
N VAL A 33 8.37 16.62 -35.49
CA VAL A 33 8.52 15.20 -35.16
C VAL A 33 7.37 14.58 -34.36
N LEU A 34 7.07 15.13 -33.19
CA LEU A 34 6.01 14.60 -32.34
C LEU A 34 4.75 14.20 -33.08
N GLY A 35 4.31 12.97 -32.85
CA GLY A 35 3.11 12.48 -33.50
C GLY A 35 3.40 11.73 -34.78
N ASN A 36 4.64 11.81 -35.25
CA ASN A 36 5.00 11.14 -36.49
C ASN A 36 5.87 9.91 -36.33
N ASN A 37 5.65 8.92 -37.19
CA ASN A 37 6.44 7.71 -37.15
C ASN A 37 7.85 8.14 -37.62
N CYS A 38 8.88 7.53 -37.04
CA CYS A 38 10.27 7.85 -37.33
C CYS A 38 10.74 7.68 -38.79
N ARG A 39 10.09 6.78 -39.54
CA ARG A 39 10.48 6.53 -40.93
C ARG A 39 10.66 7.75 -41.83
N PHE A 40 10.23 8.93 -41.40
CA PHE A 40 10.41 10.13 -42.23
C PHE A 40 11.86 10.55 -42.32
N LEU A 41 12.76 9.76 -41.76
CA LEU A 41 14.19 10.09 -41.80
C LEU A 41 14.88 9.33 -42.91
N GLN A 42 14.18 8.36 -43.50
CA GLN A 42 14.74 7.55 -44.57
C GLN A 42 14.71 8.28 -45.92
N GLY A 43 15.46 7.77 -46.88
CA GLY A 43 15.52 8.38 -48.20
C GLY A 43 15.87 7.42 -49.31
N ARG A 44 16.14 7.95 -50.50
CA ARG A 44 16.46 7.14 -51.67
C ARG A 44 17.69 6.22 -51.46
N GLY A 45 18.71 6.71 -50.76
CA GLY A 45 19.88 5.88 -50.54
C GLY A 45 19.83 4.89 -49.37
N THR A 46 18.71 4.86 -48.64
CA THR A 46 18.54 3.98 -47.49
C THR A 46 18.32 2.53 -47.89
N ASP A 47 19.16 1.64 -47.39
CA ASP A 47 19.05 0.22 -47.69
C ASP A 47 17.77 -0.36 -47.11
N ARG A 48 16.98 -1.04 -47.93
CA ARG A 48 15.73 -1.62 -47.45
C ARG A 48 15.90 -2.91 -46.68
N LYS A 49 17.03 -3.59 -46.85
CA LYS A 49 17.29 -4.82 -46.11
C LYS A 49 17.43 -4.44 -44.63
N ALA A 50 17.97 -3.25 -44.38
CA ALA A 50 18.15 -2.72 -43.03
C ALA A 50 16.78 -2.34 -42.45
N VAL A 51 16.01 -1.59 -43.23
CA VAL A 51 14.68 -1.19 -42.81
C VAL A 51 13.81 -2.43 -42.53
N GLN A 52 14.12 -3.54 -43.21
CA GLN A 52 13.37 -4.77 -43.01
C GLN A 52 13.64 -5.30 -41.60
N LEU A 53 14.91 -5.36 -41.23
CA LEU A 53 15.31 -5.83 -39.91
C LEU A 53 14.55 -5.05 -38.82
N ILE A 54 14.68 -3.73 -38.87
CA ILE A 54 14.03 -2.85 -37.92
C ILE A 54 12.56 -3.19 -37.84
N ARG A 55 11.93 -3.42 -38.98
CA ARG A 55 10.51 -3.75 -39.01
C ARG A 55 10.24 -5.06 -38.26
N ASP A 56 11.15 -6.02 -38.41
CA ASP A 56 11.01 -7.33 -37.75
C ASP A 56 11.13 -7.19 -36.24
N ALA A 57 12.23 -6.60 -35.79
CA ALA A 57 12.46 -6.40 -34.37
C ALA A 57 11.23 -5.78 -33.72
N VAL A 58 10.68 -4.75 -34.37
CA VAL A 58 9.51 -4.06 -33.83
C VAL A 58 8.31 -4.98 -33.70
N LYS A 59 7.92 -5.63 -34.79
CA LYS A 59 6.76 -6.53 -34.75
C LYS A 59 7.01 -7.66 -33.76
N GLU A 60 8.16 -8.33 -33.90
CA GLU A 60 8.51 -9.42 -33.00
C GLU A 60 8.82 -8.86 -31.60
N GLN A 61 8.89 -7.54 -31.50
CA GLN A 61 9.17 -6.83 -30.25
C GLN A 61 10.45 -7.25 -29.53
N ARG A 62 11.58 -7.15 -30.23
CA ARG A 62 12.87 -7.52 -29.66
C ARG A 62 13.86 -6.35 -29.76
N ASP A 63 15.04 -6.56 -29.21
CA ASP A 63 16.08 -5.55 -29.27
C ASP A 63 16.79 -5.76 -30.61
N VAL A 64 17.50 -4.72 -31.06
CA VAL A 64 18.27 -4.78 -32.30
C VAL A 64 19.19 -3.60 -32.34
N THR A 65 20.24 -3.70 -33.15
CA THR A 65 21.19 -2.62 -33.31
C THR A 65 21.52 -2.61 -34.78
N VAL A 66 20.86 -1.74 -35.53
CA VAL A 66 21.08 -1.67 -36.96
C VAL A 66 21.72 -0.35 -37.37
N GLN A 67 22.57 -0.43 -38.38
CA GLN A 67 23.23 0.76 -38.89
C GLN A 67 22.35 1.11 -40.10
N VAL A 68 21.78 2.32 -40.13
CA VAL A 68 20.90 2.72 -41.21
C VAL A 68 21.24 4.12 -41.71
N LEU A 69 21.01 4.39 -42.99
CA LEU A 69 21.30 5.70 -43.55
C LEU A 69 20.09 6.62 -43.47
N ASN A 70 20.30 7.83 -42.95
CA ASN A 70 19.19 8.77 -42.82
C ASN A 70 19.56 10.11 -43.41
N TYR A 71 18.59 11.03 -43.44
CA TYR A 71 18.83 12.35 -43.99
C TYR A 71 18.29 13.40 -43.03
N THR A 72 19.09 14.43 -42.76
CA THR A 72 18.64 15.51 -41.88
C THR A 72 17.57 16.25 -42.65
N LYS A 73 16.92 17.23 -42.02
CA LYS A 73 15.87 18.01 -42.68
C LYS A 73 16.45 18.78 -43.86
N GLY A 74 17.71 19.22 -43.70
CA GLY A 74 18.37 19.98 -44.74
C GLY A 74 18.64 19.19 -46.01
N GLY A 75 18.83 17.88 -45.88
CA GLY A 75 19.09 17.05 -47.05
C GLY A 75 20.40 16.30 -46.94
N ARG A 76 21.19 16.63 -45.91
CA ARG A 76 22.48 15.96 -45.68
C ARG A 76 22.28 14.53 -45.20
N ALA A 77 22.98 13.60 -45.82
CA ALA A 77 22.84 12.21 -45.42
C ALA A 77 23.84 11.90 -44.32
N PHE A 78 23.44 11.03 -43.40
CA PHE A 78 24.32 10.62 -42.32
C PHE A 78 24.08 9.19 -41.89
N TRP A 79 25.09 8.57 -41.32
CA TRP A 79 24.96 7.20 -40.83
C TRP A 79 24.41 7.27 -39.44
N ASN A 80 23.44 6.40 -39.18
CA ASN A 80 22.76 6.35 -37.90
C ASN A 80 22.92 4.98 -37.27
N LEU A 81 23.75 4.92 -36.23
CA LEU A 81 23.95 3.69 -35.48
C LEU A 81 22.75 3.70 -34.54
N PHE A 82 21.74 2.94 -34.93
CA PHE A 82 20.51 2.89 -34.20
C PHE A 82 20.35 1.66 -33.34
N HIS A 83 19.98 1.88 -32.07
CA HIS A 83 19.77 0.82 -31.10
C HIS A 83 18.35 0.88 -30.55
N LEU A 84 17.66 -0.24 -30.63
CA LEU A 84 16.27 -0.35 -30.18
C LEU A 84 16.15 -1.12 -28.87
N GLN A 85 15.21 -0.72 -28.03
CA GLN A 85 14.97 -1.37 -26.74
C GLN A 85 13.51 -1.30 -26.35
N VAL A 86 13.01 -2.37 -25.74
CA VAL A 86 11.60 -2.43 -25.35
C VAL A 86 11.31 -2.13 -23.89
N MET A 87 10.37 -1.20 -23.69
CA MET A 87 9.95 -0.82 -22.36
C MET A 87 8.84 -1.79 -22.02
N ARG A 88 9.21 -2.97 -21.54
CA ARG A 88 8.20 -3.94 -21.20
C ARG A 88 7.49 -3.47 -19.95
N ASP A 89 7.87 -2.27 -19.51
CA ASP A 89 7.26 -1.63 -18.36
C ASP A 89 5.81 -2.05 -18.37
N GLU A 90 5.51 -3.03 -17.55
CA GLU A 90 4.17 -3.56 -17.47
C GLU A 90 4.34 -4.78 -16.59
N ASN A 91 4.08 -5.93 -17.22
CA ASN A 91 4.18 -7.23 -16.59
C ASN A 91 3.95 -8.16 -17.78
N GLY A 92 4.86 -8.01 -18.74
CA GLY A 92 4.80 -8.79 -19.96
C GLY A 92 4.53 -7.87 -21.14
N ASP A 93 3.51 -7.02 -21.01
CA ASP A 93 3.12 -6.12 -22.09
C ASP A 93 4.11 -5.00 -22.37
N VAL A 94 4.27 -4.71 -23.66
CA VAL A 94 5.15 -3.65 -24.12
C VAL A 94 4.41 -2.33 -23.95
N GLN A 95 5.08 -1.34 -23.36
CA GLN A 95 4.46 -0.04 -23.15
C GLN A 95 5.07 1.01 -24.06
N TYR A 96 6.40 0.99 -24.18
CA TYR A 96 7.10 1.95 -25.02
C TYR A 96 8.29 1.33 -25.71
N PHE A 97 8.74 2.01 -26.76
CA PHE A 97 9.94 1.62 -27.48
C PHE A 97 10.88 2.79 -27.26
N ILE A 98 12.13 2.50 -26.93
CA ILE A 98 13.14 3.51 -26.69
C ILE A 98 14.18 3.40 -27.79
N GLY A 99 14.48 4.50 -28.46
CA GLY A 99 15.48 4.42 -29.50
C GLY A 99 16.63 5.38 -29.32
N VAL A 100 17.86 4.85 -29.34
CA VAL A 100 19.05 5.69 -29.21
C VAL A 100 19.66 5.86 -30.60
N GLN A 101 19.94 7.11 -30.99
CA GLN A 101 20.53 7.41 -32.29
C GLN A 101 21.93 8.00 -32.20
N GLN A 102 22.84 7.56 -33.06
CA GLN A 102 24.21 8.07 -33.04
C GLN A 102 24.79 8.36 -34.42
N GLU A 103 25.19 9.60 -34.67
CA GLU A 103 25.80 9.91 -35.95
C GLU A 103 27.16 9.22 -35.97
N MET A 104 27.37 8.30 -36.91
CA MET A 104 28.64 7.62 -36.95
C MET A 104 29.31 7.79 -38.30
N LYS B 1 -10.49 2.78 30.07
CA LYS B 1 -9.08 2.27 30.13
C LYS B 1 -8.23 2.79 28.95
N SER B 2 -6.93 2.49 29.00
CA SER B 2 -6.02 2.89 27.93
C SER B 2 -6.10 1.78 26.86
N PHE B 3 -6.39 2.18 25.62
CA PHE B 3 -6.46 1.21 24.53
C PHE B 3 -6.36 1.88 23.16
N VAL B 4 -6.02 1.09 22.17
CA VAL B 4 -5.93 1.57 20.81
C VAL B 4 -6.53 0.53 19.90
N ILE B 5 -6.87 0.96 18.69
CA ILE B 5 -7.46 0.07 17.69
C ILE B 5 -6.61 0.17 16.45
N THR B 6 -6.17 -0.97 15.95
CA THR B 6 -5.36 -0.97 14.73
C THR B 6 -6.09 -1.66 13.58
N ASP B 7 -5.75 -1.25 12.36
CA ASP B 7 -6.37 -1.81 11.16
C ASP B 7 -5.30 -2.54 10.35
N PRO B 8 -5.25 -3.89 10.48
CA PRO B 8 -4.28 -4.74 9.78
C PRO B 8 -4.49 -4.84 8.27
N ARG B 9 -5.57 -4.25 7.77
CA ARG B 9 -5.83 -4.27 6.34
C ARG B 9 -5.13 -3.09 5.68
N LEU B 10 -4.42 -2.31 6.48
CA LEU B 10 -3.68 -1.17 5.96
C LEU B 10 -2.19 -1.52 6.03
N PRO B 11 -1.36 -0.84 5.22
CA PRO B 11 0.08 -1.14 5.25
C PRO B 11 0.75 -0.79 6.59
N ASP B 12 1.39 -1.81 7.17
CA ASP B 12 2.10 -1.71 8.44
C ASP B 12 1.20 -1.76 9.69
N ASN B 13 -0.09 -2.09 9.50
CA ASN B 13 -1.03 -2.26 10.61
C ASN B 13 -1.05 -1.05 11.58
N PRO B 14 -1.33 0.15 11.05
CA PRO B 14 -1.40 1.42 11.78
C PRO B 14 -2.49 1.62 12.83
N ILE B 15 -2.17 2.42 13.83
CA ILE B 15 -3.11 2.73 14.88
C ILE B 15 -4.10 3.73 14.29
N ILE B 16 -5.38 3.36 14.26
CA ILE B 16 -6.42 4.22 13.71
C ILE B 16 -7.26 4.88 14.81
N PHE B 17 -7.13 4.39 16.03
CA PHE B 17 -7.88 4.94 17.15
C PHE B 17 -7.14 4.74 18.47
N ALA B 18 -7.09 5.80 19.28
CA ALA B 18 -6.41 5.76 20.58
C ALA B 18 -7.23 6.50 21.61
N SER B 19 -7.60 5.80 22.70
CA SER B 19 -8.40 6.40 23.77
C SER B 19 -7.59 7.53 24.41
N ASP B 20 -8.25 8.37 25.20
CA ASP B 20 -7.55 9.48 25.86
C ASP B 20 -6.52 9.01 26.89
N ARG B 21 -6.91 8.08 27.75
CA ARG B 21 -5.98 7.58 28.76
C ARG B 21 -4.65 7.11 28.12
N PHE B 22 -4.72 6.58 26.90
CA PHE B 22 -3.52 6.11 26.21
C PHE B 22 -2.55 7.26 25.93
N LEU B 23 -3.07 8.36 25.38
CA LEU B 23 -2.28 9.53 25.05
C LEU B 23 -1.71 10.15 26.33
N GLU B 24 -2.49 10.04 27.40
CA GLU B 24 -2.07 10.57 28.69
C GLU B 24 -0.87 9.75 29.14
N LEU B 25 -1.05 8.43 29.21
CA LEU B 25 -0.01 7.50 29.62
C LEU B 25 1.29 7.59 28.82
N THR B 26 1.21 7.77 27.51
CA THR B 26 2.42 7.84 26.70
C THR B 26 2.89 9.25 26.42
N GLU B 27 2.14 10.25 26.85
CA GLU B 27 2.51 11.65 26.66
C GLU B 27 2.58 12.11 25.21
N TYR B 28 2.01 11.35 24.28
CA TYR B 28 2.03 11.77 22.88
C TYR B 28 0.73 12.48 22.51
N THR B 29 0.71 13.07 21.32
CA THR B 29 -0.48 13.76 20.86
C THR B 29 -1.12 12.94 19.74
N ARG B 30 -2.44 12.88 19.72
CA ARG B 30 -3.19 12.11 18.72
C ARG B 30 -2.68 12.26 17.29
N GLU B 31 -2.25 13.45 16.92
CA GLU B 31 -1.76 13.66 15.56
C GLU B 31 -0.49 12.87 15.32
N GLU B 32 0.27 12.63 16.37
CA GLU B 32 1.52 11.89 16.26
C GLU B 32 1.32 10.38 16.12
N VAL B 33 0.46 9.81 16.97
CA VAL B 33 0.22 8.37 16.93
C VAL B 33 -0.55 7.85 15.71
N LEU B 34 -1.75 8.38 15.46
CA LEU B 34 -2.57 7.95 14.33
C LEU B 34 -1.81 7.76 13.04
N GLY B 35 -1.98 6.57 12.45
CA GLY B 35 -1.31 6.27 11.20
C GLY B 35 0.02 5.56 11.39
N ASN B 36 0.49 5.49 12.63
CA ASN B 36 1.76 4.85 12.92
C ASN B 36 1.64 3.52 13.63
N ASN B 37 2.55 2.61 13.31
CA ASN B 37 2.58 1.30 13.93
C ASN B 37 3.03 1.56 15.39
N CYS B 38 2.47 0.80 16.32
CA CYS B 38 2.74 0.95 17.75
C CYS B 38 4.20 0.79 18.20
N ARG B 39 5.00 0.04 17.44
CA ARG B 39 6.38 -0.20 17.80
C ARG B 39 7.24 1.03 18.16
N PHE B 40 6.75 2.24 17.88
CA PHE B 40 7.51 3.43 18.20
C PHE B 40 7.57 3.67 19.72
N LEU B 41 7.04 2.74 20.50
CA LEU B 41 7.06 2.88 21.96
C LEU B 41 8.21 2.07 22.58
N GLN B 42 8.87 1.26 21.76
CA GLN B 42 9.98 0.43 22.21
C GLN B 42 11.28 1.22 22.27
N GLY B 43 12.27 0.68 22.97
CA GLY B 43 13.55 1.34 23.10
C GLY B 43 14.71 0.38 23.34
N ARG B 44 15.86 0.95 23.70
CA ARG B 44 17.05 0.15 23.93
C ARG B 44 16.88 -0.91 25.02
N GLY B 45 16.13 -0.60 26.08
CA GLY B 45 15.96 -1.56 27.16
C GLY B 45 14.86 -2.60 26.97
N THR B 46 14.14 -2.52 25.85
CA THR B 46 13.04 -3.43 25.55
C THR B 46 13.51 -4.83 25.16
N ASP B 47 13.04 -5.83 25.89
CA ASP B 47 13.42 -7.21 25.60
C ASP B 47 12.89 -7.64 24.25
N ARG B 48 13.75 -8.19 23.39
CA ARG B 48 13.29 -8.62 22.08
C ARG B 48 12.57 -9.96 22.07
N LYS B 49 12.77 -10.77 23.10
CA LYS B 49 12.09 -12.05 23.19
C LYS B 49 10.59 -11.76 23.36
N ALA B 50 10.30 -10.66 24.03
CA ALA B 50 8.93 -10.23 24.28
C ALA B 50 8.33 -9.72 22.96
N VAL B 51 9.06 -8.84 22.29
CA VAL B 51 8.62 -8.29 21.02
C VAL B 51 8.42 -9.42 20.00
N GLN B 52 9.15 -10.52 20.17
CA GLN B 52 9.02 -11.67 19.27
C GLN B 52 7.64 -12.30 19.45
N LEU B 53 7.27 -12.53 20.71
CA LEU B 53 5.95 -13.11 21.04
C LEU B 53 4.84 -12.29 20.36
N ILE B 54 4.81 -11.00 20.68
CA ILE B 54 3.83 -10.08 20.13
C ILE B 54 3.77 -10.25 18.63
N ARG B 55 4.93 -10.33 17.99
CA ARG B 55 4.98 -10.48 16.55
C ARG B 55 4.28 -11.77 16.11
N ASP B 56 4.50 -12.84 16.88
CA ASP B 56 3.90 -14.13 16.57
C ASP B 56 2.38 -14.10 16.68
N ALA B 57 1.90 -13.67 17.84
CA ALA B 57 0.48 -13.58 18.08
C ALA B 57 -0.19 -12.85 16.94
N VAL B 58 0.38 -11.72 16.52
CA VAL B 58 -0.18 -10.93 15.45
C VAL B 58 -0.24 -11.68 14.13
N LYS B 59 0.88 -12.23 13.68
CA LYS B 59 0.88 -12.97 12.41
C LYS B 59 -0.06 -14.17 12.51
N GLU B 60 0.11 -14.97 13.56
CA GLU B 60 -0.73 -16.14 13.78
C GLU B 60 -2.15 -15.68 14.14
N GLN B 61 -2.32 -14.38 14.36
CA GLN B 61 -3.62 -13.78 14.71
C GLN B 61 -4.31 -14.40 15.92
N ARG B 62 -3.62 -14.41 17.07
CA ARG B 62 -4.18 -14.96 18.31
C ARG B 62 -4.14 -13.93 19.42
N ASP B 63 -4.68 -14.31 20.57
CA ASP B 63 -4.68 -13.45 21.75
C ASP B 63 -3.34 -13.68 22.44
N VAL B 64 -2.94 -12.72 23.27
CA VAL B 64 -1.70 -12.81 24.04
C VAL B 64 -1.73 -11.74 25.10
N THR B 65 -0.93 -11.95 26.14
CA THR B 65 -0.81 -10.98 27.21
C THR B 65 0.67 -10.95 27.55
N VAL B 66 1.37 -9.97 27.02
CA VAL B 66 2.80 -9.86 27.27
C VAL B 66 3.12 -8.62 28.07
N GLN B 67 4.14 -8.75 28.91
CA GLN B 67 4.60 -7.63 29.71
C GLN B 67 5.79 -7.12 28.89
N VAL B 68 5.76 -5.86 28.49
CA VAL B 68 6.84 -5.31 27.67
C VAL B 68 7.25 -3.94 28.20
N LEU B 69 8.52 -3.57 28.00
CA LEU B 69 9.01 -2.28 28.48
C LEU B 69 8.87 -1.21 27.41
N ASN B 70 8.30 -0.07 27.76
CA ASN B 70 8.14 1.01 26.77
C ASN B 70 8.66 2.32 27.31
N TYR B 71 8.64 3.34 26.47
CA TYR B 71 9.14 4.66 26.87
C TYR B 71 8.14 5.74 26.45
N THR B 72 7.83 6.63 27.37
CA THR B 72 6.89 7.72 27.07
C THR B 72 7.63 8.65 26.10
N LYS B 73 6.93 9.64 25.58
CA LYS B 73 7.55 10.58 24.66
C LYS B 73 8.69 11.32 25.35
N GLY B 74 8.50 11.60 26.63
CA GLY B 74 9.51 12.31 27.41
C GLY B 74 10.81 11.54 27.59
N GLY B 75 10.74 10.22 27.61
CA GLY B 75 11.96 9.43 27.78
C GLY B 75 11.87 8.50 28.97
N ARG B 76 10.82 8.68 29.78
CA ARG B 76 10.62 7.85 30.97
C ARG B 76 10.22 6.44 30.59
N ALA B 77 10.90 5.45 31.15
CA ALA B 77 10.57 4.07 30.85
C ALA B 77 9.48 3.58 31.79
N PHE B 78 8.60 2.73 31.28
CA PHE B 78 7.53 2.17 32.09
C PHE B 78 7.19 0.76 31.67
N TRP B 79 6.63 0.00 32.59
CA TRP B 79 6.21 -1.37 32.28
C TRP B 79 4.82 -1.31 31.70
N ASN B 80 4.63 -2.05 30.64
CA ASN B 80 3.36 -2.08 29.94
C ASN B 80 2.77 -3.49 29.93
N LEU B 81 1.72 -3.69 30.72
CA LEU B 81 1.02 -4.98 30.77
C LEU B 81 0.09 -4.86 29.58
N PHE B 82 0.54 -5.45 28.48
CA PHE B 82 -0.19 -5.38 27.23
C PHE B 82 -1.00 -6.64 26.92
N HIS B 83 -2.26 -6.43 26.58
CA HIS B 83 -3.19 -7.51 26.23
C HIS B 83 -3.74 -7.31 24.82
N LEU B 84 -3.58 -8.34 24.00
CA LEU B 84 -4.02 -8.29 22.61
C LEU B 84 -5.30 -9.10 22.37
N GLN B 85 -6.16 -8.59 21.48
CA GLN B 85 -7.39 -9.28 21.13
C GLN B 85 -7.77 -9.04 19.67
N VAL B 86 -8.32 -10.06 19.04
CA VAL B 86 -8.71 -9.97 17.64
C VAL B 86 -10.19 -9.69 17.38
N MET B 87 -10.44 -8.67 16.58
CA MET B 87 -11.79 -8.29 16.18
C MET B 87 -12.08 -9.14 14.96
N ARG B 88 -12.50 -10.37 15.17
CA ARG B 88 -12.79 -11.23 14.04
C ARG B 88 -14.06 -10.73 13.38
N ASP B 89 -14.55 -9.60 13.90
CA ASP B 89 -15.74 -8.94 13.36
C ASP B 89 -15.69 -9.19 11.87
N GLU B 90 -16.49 -10.15 11.44
CA GLU B 90 -16.53 -10.52 10.05
C GLU B 90 -17.33 -11.79 10.05
N ASN B 91 -16.66 -12.86 9.67
CA ASN B 91 -17.22 -14.19 9.59
C ASN B 91 -15.98 -15.02 9.27
N GLY B 92 -15.04 -14.95 10.19
CA GLY B 92 -13.77 -15.65 10.05
C GLY B 92 -12.63 -14.66 9.89
N ASP B 93 -12.82 -13.69 8.99
CA ASP B 93 -11.78 -12.70 8.72
C ASP B 93 -11.55 -11.70 9.84
N VAL B 94 -10.28 -11.37 10.07
CA VAL B 94 -9.89 -10.41 11.08
C VAL B 94 -10.12 -9.02 10.52
N GLN B 95 -10.76 -8.16 11.29
CA GLN B 95 -11.02 -6.80 10.83
C GLN B 95 -10.16 -5.79 11.58
N TYR B 96 -10.04 -5.96 12.89
CA TYR B 96 -9.25 -5.06 13.71
C TYR B 96 -8.53 -5.80 14.83
N PHE B 97 -7.52 -5.13 15.39
CA PHE B 97 -6.78 -5.64 16.53
C PHE B 97 -7.07 -4.61 17.63
N ILE B 98 -7.39 -5.11 18.81
CA ILE B 98 -7.67 -4.23 19.95
C ILE B 98 -6.59 -4.42 20.97
N GLY B 99 -5.97 -3.33 21.40
CA GLY B 99 -4.92 -3.46 22.39
C GLY B 99 -5.18 -2.66 23.66
N VAL B 100 -5.10 -3.34 24.81
CA VAL B 100 -5.30 -2.68 26.10
C VAL B 100 -3.94 -2.53 26.75
N GLN B 101 -3.61 -1.30 27.19
CA GLN B 101 -2.33 -1.01 27.83
C GLN B 101 -2.46 -0.62 29.30
N GLN B 102 -1.56 -1.12 30.14
CA GLN B 102 -1.62 -0.81 31.57
C GLN B 102 -0.26 -0.54 32.19
N GLU B 103 -0.07 0.66 32.75
CA GLU B 103 1.21 0.96 33.40
C GLU B 103 1.25 0.11 34.66
N MET B 104 2.23 -0.77 34.76
CA MET B 104 2.31 -1.63 35.93
C MET B 104 3.65 -1.51 36.64
N LYS C 1 3.82 8.13 -15.51
CA LYS C 1 3.87 7.27 -14.29
C LYS C 1 5.00 7.68 -13.35
N SER C 2 5.06 7.03 -12.18
CA SER C 2 6.11 7.30 -11.21
C SER C 2 7.29 6.39 -11.58
N PHE C 3 8.47 6.99 -11.76
CA PHE C 3 9.64 6.20 -12.12
C PHE C 3 10.92 6.95 -11.86
N VAL C 4 12.02 6.21 -11.76
CA VAL C 4 13.33 6.81 -11.57
C VAL C 4 14.31 6.09 -12.45
N ILE C 5 15.47 6.70 -12.64
CA ILE C 5 16.52 6.13 -13.45
C ILE C 5 17.78 6.12 -12.64
N THR C 6 18.41 4.95 -12.53
CA THR C 6 19.64 4.88 -11.77
C THR C 6 20.84 4.54 -12.66
N ASP C 7 22.03 4.96 -12.24
CA ASP C 7 23.25 4.73 -12.99
C ASP C 7 24.17 3.83 -12.18
N PRO C 8 24.19 2.53 -12.48
CA PRO C 8 25.01 1.53 -11.79
C PRO C 8 26.50 1.66 -12.02
N ARG C 9 26.89 2.56 -12.91
CA ARG C 9 28.31 2.76 -13.18
C ARG C 9 28.86 3.78 -12.20
N LEU C 10 28.01 4.25 -11.30
CA LEU C 10 28.45 5.19 -10.28
C LEU C 10 28.48 4.46 -8.95
N PRO C 11 29.24 4.97 -7.98
CA PRO C 11 29.30 4.30 -6.67
C PRO C 11 27.98 4.31 -5.91
N ASP C 12 27.52 3.11 -5.57
CA ASP C 12 26.28 2.88 -4.85
C ASP C 12 25.00 2.92 -5.72
N ASN C 13 25.18 2.97 -7.05
CA ASN C 13 24.05 2.94 -7.98
C ASN C 13 22.97 4.00 -7.66
N PRO C 14 23.35 5.28 -7.61
CA PRO C 14 22.51 6.43 -7.32
C PRO C 14 21.39 6.79 -8.30
N ILE C 15 20.32 7.35 -7.77
CA ILE C 15 19.21 7.80 -8.59
C ILE C 15 19.67 9.08 -9.29
N ILE C 16 19.66 9.07 -10.62
CA ILE C 16 20.08 10.24 -11.39
C ILE C 16 18.90 10.97 -12.00
N PHE C 17 17.74 10.34 -12.00
CA PHE C 17 16.54 10.95 -12.55
C PHE C 17 15.29 10.43 -11.86
N ALA C 18 14.37 11.34 -11.54
CA ALA C 18 13.12 10.96 -10.89
C ALA C 18 11.97 11.76 -11.48
N SER C 19 10.95 11.07 -12.00
CA SER C 19 9.81 11.76 -12.60
C SER C 19 9.08 12.54 -11.51
N ASP C 20 8.19 13.45 -11.91
CA ASP C 20 7.45 14.24 -10.93
C ASP C 20 6.52 13.41 -10.04
N ARG C 21 5.74 12.52 -10.66
CA ARG C 21 4.82 11.68 -9.89
C ARG C 21 5.54 10.95 -8.75
N PHE C 22 6.81 10.61 -8.97
CA PHE C 22 7.60 9.91 -7.95
C PHE C 22 7.79 10.78 -6.71
N LEU C 23 8.21 12.03 -6.92
CA LEU C 23 8.44 12.98 -5.84
C LEU C 23 7.13 13.26 -5.11
N GLU C 24 6.04 13.26 -5.88
CA GLU C 24 4.73 13.51 -5.33
C GLU C 24 4.42 12.35 -4.39
N LEU C 25 4.49 11.14 -4.92
CA LEU C 25 4.22 9.92 -4.17
C LEU C 25 5.05 9.75 -2.89
N THR C 26 6.33 10.08 -2.95
CA THR C 26 7.17 9.91 -1.76
C THR C 26 7.33 11.18 -0.92
N GLU C 27 6.77 12.29 -1.38
CA GLU C 27 6.82 13.55 -0.64
C GLU C 27 8.22 14.13 -0.46
N TYR C 28 9.19 13.66 -1.23
CA TYR C 28 10.55 14.21 -1.12
C TYR C 28 10.78 15.28 -2.17
N THR C 29 11.91 15.97 -2.06
CA THR C 29 12.24 17.01 -3.02
C THR C 29 13.42 16.53 -3.86
N ARG C 30 13.38 16.82 -5.16
CA ARG C 30 14.42 16.39 -6.09
C ARG C 30 15.85 16.54 -5.58
N GLU C 31 16.13 17.62 -4.86
CA GLU C 31 17.48 17.83 -4.33
C GLU C 31 17.86 16.75 -3.33
N GLU C 32 16.86 16.21 -2.64
CA GLU C 32 17.09 15.18 -1.64
C GLU C 32 17.37 13.80 -2.24
N VAL C 33 16.56 13.39 -3.22
CA VAL C 33 16.72 12.08 -3.86
C VAL C 33 17.95 11.92 -4.75
N LEU C 34 18.11 12.79 -5.75
CA LEU C 34 19.24 12.71 -6.67
C LEU C 34 20.59 12.46 -6.00
N GLY C 35 21.30 11.45 -6.48
CA GLY C 35 22.60 11.14 -5.91
C GLY C 35 22.53 10.07 -4.84
N ASN C 36 21.32 9.75 -4.39
CA ASN C 36 21.15 8.75 -3.35
C ASN C 36 20.58 7.43 -3.81
N ASN C 37 21.04 6.34 -3.20
CA ASN C 37 20.54 5.02 -3.51
C ASN C 37 19.09 5.00 -3.00
N CYS C 38 18.22 4.31 -3.73
CA CYS C 38 16.79 4.23 -3.40
C CYS C 38 16.41 3.63 -2.03
N ARG C 39 17.28 2.79 -1.47
CA ARG C 39 16.99 2.15 -0.19
C ARG C 39 16.55 3.06 0.96
N PHE C 40 16.68 4.37 0.81
CA PHE C 40 16.27 5.28 1.86
C PHE C 40 14.75 5.32 2.02
N LEU C 41 14.03 4.49 1.25
CA LEU C 41 12.58 4.46 1.33
C LEU C 41 12.10 3.33 2.23
N GLN C 42 13.03 2.45 2.62
CA GLN C 42 12.71 1.32 3.48
C GLN C 42 12.61 1.72 4.96
N GLY C 43 12.01 0.84 5.76
CA GLY C 43 11.85 1.13 7.17
C GLY C 43 11.75 -0.11 8.03
N ARG C 44 11.39 0.07 9.29
CA ARG C 44 11.28 -1.03 10.23
C ARG C 44 10.31 -2.13 9.82
N GLY C 45 9.20 -1.76 9.19
CA GLY C 45 8.23 -2.76 8.78
C GLY C 45 8.47 -3.44 7.43
N THR C 46 9.55 -3.04 6.74
CA THR C 46 9.89 -3.59 5.44
C THR C 46 10.44 -5.01 5.52
N ASP C 47 9.81 -5.93 4.80
CA ASP C 47 10.24 -7.32 4.78
C ASP C 47 11.62 -7.43 4.13
N ARG C 48 12.56 -8.10 4.79
CA ARG C 48 13.90 -8.25 4.24
C ARG C 48 14.02 -9.33 3.16
N LYS C 49 13.09 -10.27 3.15
CA LYS C 49 13.11 -11.33 2.15
C LYS C 49 12.84 -10.68 0.79
N ALA C 50 12.04 -9.61 0.81
CA ALA C 50 11.70 -8.85 -0.40
C ALA C 50 12.93 -8.06 -0.84
N VAL C 51 13.54 -7.33 0.09
CA VAL C 51 14.72 -6.55 -0.18
C VAL C 51 15.84 -7.48 -0.69
N GLN C 52 15.82 -8.75 -0.29
CA GLN C 52 16.82 -9.70 -0.75
C GLN C 52 16.65 -9.96 -2.25
N LEU C 53 15.41 -10.19 -2.66
CA LEU C 53 15.10 -10.44 -4.06
C LEU C 53 15.63 -9.31 -4.91
N ILE C 54 15.19 -8.09 -4.59
CA ILE C 54 15.60 -6.89 -5.29
C ILE C 54 17.12 -6.84 -5.41
N ARG C 55 17.81 -7.17 -4.33
CA ARG C 55 19.26 -7.17 -4.35
C ARG C 55 19.80 -8.19 -5.37
N ASP C 56 19.15 -9.35 -5.45
CA ASP C 56 19.56 -10.40 -6.38
C ASP C 56 19.38 -9.97 -7.81
N ALA C 57 18.16 -9.56 -8.14
CA ALA C 57 17.85 -9.11 -9.49
C ALA C 57 18.89 -8.10 -9.96
N VAL C 58 19.20 -7.13 -9.11
CA VAL C 58 20.17 -6.09 -9.45
C VAL C 58 21.56 -6.66 -9.74
N LYS C 59 22.12 -7.43 -8.81
CA LYS C 59 23.45 -8.01 -9.01
C LYS C 59 23.44 -8.93 -10.24
N GLU C 60 22.48 -9.83 -10.29
CA GLU C 60 22.34 -10.77 -11.41
C GLU C 60 21.87 -10.00 -12.65
N GLN C 61 21.52 -8.73 -12.46
CA GLN C 61 21.06 -7.83 -13.54
C GLN C 61 19.89 -8.36 -14.37
N ARG C 62 18.79 -8.69 -13.69
CA ARG C 62 17.60 -9.22 -14.36
C ARG C 62 16.38 -8.38 -14.04
N ASP C 63 15.25 -8.72 -14.64
CA ASP C 63 14.00 -8.02 -14.39
C ASP C 63 13.38 -8.66 -13.17
N VAL C 64 12.45 -7.97 -12.52
CA VAL C 64 11.75 -8.47 -11.34
C VAL C 64 10.59 -7.55 -11.06
N THR C 65 9.62 -8.07 -10.34
CA THR C 65 8.45 -7.29 -9.94
C THR C 65 8.17 -7.70 -8.51
N VAL C 66 8.63 -6.88 -7.57
CA VAL C 66 8.43 -7.19 -6.17
C VAL C 66 7.52 -6.17 -5.50
N GLN C 67 6.72 -6.65 -4.55
CA GLN C 67 5.84 -5.80 -3.80
C GLN C 67 6.66 -5.54 -2.53
N VAL C 68 6.93 -4.28 -2.22
CA VAL C 68 7.72 -3.94 -1.05
C VAL C 68 7.09 -2.79 -0.28
N LEU C 69 7.29 -2.76 1.04
CA LEU C 69 6.71 -1.71 1.88
C LEU C 69 7.66 -0.54 2.03
N ASN C 70 7.17 0.66 1.80
CA ASN C 70 8.02 1.84 1.91
C ASN C 70 7.37 2.89 2.78
N TYR C 71 8.10 3.98 3.02
CA TYR C 71 7.60 5.06 3.85
C TYR C 71 7.85 6.39 3.16
N THR C 72 6.83 7.24 3.10
CA THR C 72 6.99 8.56 2.49
C THR C 72 7.88 9.35 3.45
N LYS C 73 8.27 10.56 3.06
CA LYS C 73 9.13 11.40 3.91
C LYS C 73 8.41 11.74 5.21
N GLY C 74 7.08 11.90 5.12
CA GLY C 74 6.28 12.22 6.28
C GLY C 74 6.24 11.13 7.33
N GLY C 75 6.34 9.87 6.91
CA GLY C 75 6.32 8.78 7.86
C GLY C 75 5.23 7.79 7.55
N ARG C 76 4.37 8.13 6.60
CA ARG C 76 3.27 7.27 6.18
C ARG C 76 3.78 6.07 5.40
N ALA C 77 3.34 4.88 5.80
CA ALA C 77 3.76 3.67 5.12
C ALA C 77 2.83 3.38 3.96
N PHE C 78 3.40 2.87 2.86
CA PHE C 78 2.60 2.54 1.70
C PHE C 78 3.17 1.33 0.98
N TRP C 79 2.30 0.64 0.24
CA TRP C 79 2.73 -0.53 -0.53
C TRP C 79 3.23 -0.04 -1.87
N ASN C 80 4.37 -0.57 -2.28
CA ASN C 80 5.00 -0.17 -3.50
C ASN C 80 5.14 -1.37 -4.44
N LEU C 81 4.33 -1.37 -5.50
CA LEU C 81 4.40 -2.42 -6.51
C LEU C 81 5.52 -1.94 -7.40
N PHE C 82 6.69 -2.49 -7.15
CA PHE C 82 7.89 -2.10 -7.85
C PHE C 82 8.28 -3.05 -8.97
N HIS C 83 8.57 -2.47 -10.13
CA HIS C 83 8.98 -3.23 -11.30
C HIS C 83 10.34 -2.72 -11.78
N LEU C 84 11.28 -3.66 -11.93
CA LEU C 84 12.64 -3.34 -12.37
C LEU C 84 12.91 -3.75 -13.81
N GLN C 85 13.70 -2.95 -14.51
CA GLN C 85 14.06 -3.23 -15.90
C GLN C 85 15.47 -2.74 -16.22
N VAL C 86 16.18 -3.49 -17.04
CA VAL C 86 17.55 -3.16 -17.39
C VAL C 86 17.72 -2.46 -18.74
N MET C 87 18.42 -1.34 -18.71
CA MET C 87 18.70 -0.58 -19.92
C MET C 87 20.00 -1.16 -20.42
N ARG C 88 19.90 -2.25 -21.18
CA ARG C 88 21.09 -2.88 -21.69
C ARG C 88 21.64 -1.98 -22.78
N ASP C 89 20.98 -0.84 -22.95
CA ASP C 89 21.41 0.17 -23.92
C ASP C 89 22.93 0.10 -23.97
N GLU C 90 23.42 -0.58 -24.99
CA GLU C 90 24.84 -0.75 -25.15
C GLU C 90 24.92 -1.77 -26.26
N ASN C 91 25.46 -2.92 -25.90
CA ASN C 91 25.64 -4.04 -26.80
C ASN C 91 26.09 -5.12 -25.84
N GLY C 92 25.20 -5.41 -24.90
CA GLY C 92 25.47 -6.40 -23.89
C GLY C 92 25.58 -5.74 -22.53
N ASP C 93 26.36 -4.67 -22.45
CA ASP C 93 26.56 -3.97 -21.17
C ASP C 93 25.35 -3.19 -20.68
N VAL C 94 25.15 -3.25 -19.36
CA VAL C 94 24.06 -2.56 -18.71
C VAL C 94 24.47 -1.10 -18.56
N GLN C 95 23.58 -0.19 -18.93
CA GLN C 95 23.87 1.23 -18.83
C GLN C 95 23.08 1.88 -17.72
N TYR C 96 21.79 1.54 -17.63
CA TYR C 96 20.92 2.11 -16.62
C TYR C 96 19.92 1.10 -16.11
N PHE C 97 19.34 1.42 -14.97
CA PHE C 97 18.29 0.60 -14.37
C PHE C 97 17.09 1.54 -14.36
N ILE C 98 15.94 1.03 -14.78
CA ILE C 98 14.72 1.83 -14.81
C ILE C 98 13.77 1.24 -13.80
N GLY C 99 13.23 2.06 -12.92
CA GLY C 99 12.31 1.54 -11.94
C GLY C 99 10.95 2.21 -11.94
N VAL C 100 9.89 1.42 -12.06
CA VAL C 100 8.53 1.97 -12.05
C VAL C 100 7.94 1.69 -10.68
N GLN C 101 7.38 2.72 -10.03
CA GLN C 101 6.78 2.58 -8.69
C GLN C 101 5.27 2.82 -8.70
N GLN C 102 4.52 2.02 -7.96
CA GLN C 102 3.06 2.20 -7.92
C GLN C 102 2.47 2.03 -6.53
N GLU C 103 1.80 3.05 -6.02
CA GLU C 103 1.18 2.92 -4.70
C GLU C 103 0.02 1.95 -4.89
N MET C 104 0.04 0.84 -4.17
CA MET C 104 -1.03 -0.13 -4.31
C MET C 104 -1.70 -0.44 -2.98
N LYS D 1 -19.09 1.85 11.40
CA LYS D 1 -20.27 0.94 11.32
C LYS D 1 -21.23 1.12 12.51
N SER D 2 -22.38 0.44 12.46
CA SER D 2 -23.34 0.49 13.54
C SER D 2 -22.92 -0.57 14.56
N PHE D 3 -22.75 -0.17 15.81
CA PHE D 3 -22.37 -1.12 16.85
C PHE D 3 -22.64 -0.58 18.24
N VAL D 4 -22.70 -1.49 19.20
CA VAL D 4 -22.91 -1.11 20.58
C VAL D 4 -22.00 -1.95 21.45
N ILE D 5 -21.81 -1.49 22.68
CA ILE D 5 -20.97 -2.20 23.63
C ILE D 5 -21.81 -2.44 24.87
N THR D 6 -21.85 -3.67 25.32
CA THR D 6 -22.61 -3.97 26.53
C THR D 6 -21.69 -4.44 27.65
N ASP D 7 -22.11 -4.22 28.89
CA ASP D 7 -21.35 -4.63 30.07
C ASP D 7 -22.12 -5.72 30.84
N PRO D 8 -21.77 -6.99 30.63
CA PRO D 8 -22.42 -8.14 31.29
C PRO D 8 -22.17 -8.24 32.80
N ARG D 9 -21.31 -7.37 33.32
CA ARG D 9 -21.04 -7.39 34.76
C ARG D 9 -22.07 -6.50 35.46
N LEU D 10 -22.99 -5.93 34.70
CA LEU D 10 -24.03 -5.11 35.29
C LEU D 10 -25.34 -5.90 35.19
N PRO D 11 -26.33 -5.56 36.04
CA PRO D 11 -27.60 -6.28 36.00
C PRO D 11 -28.36 -6.09 34.68
N ASP D 12 -28.66 -7.22 34.04
CA ASP D 12 -29.39 -7.30 32.77
C ASP D 12 -28.53 -7.01 31.53
N ASN D 13 -27.21 -6.94 31.70
CA ASN D 13 -26.28 -6.75 30.58
C ASN D 13 -26.63 -5.56 29.67
N PRO D 14 -26.72 -4.35 30.26
CA PRO D 14 -27.06 -3.09 29.59
C PRO D 14 -26.10 -2.51 28.56
N ILE D 15 -26.68 -1.81 27.59
CA ILE D 15 -25.89 -1.15 26.56
C ILE D 15 -25.25 0.08 27.21
N ILE D 16 -23.91 0.12 27.21
CA ILE D 16 -23.16 1.23 27.80
C ILE D 16 -22.59 2.14 26.73
N PHE D 17 -22.59 1.70 25.48
CA PHE D 17 -22.06 2.52 24.41
C PHE D 17 -22.72 2.18 23.08
N ALA D 18 -23.09 3.21 22.32
CA ALA D 18 -23.75 3.01 21.04
C ALA D 18 -23.21 4.01 20.03
N SER D 19 -22.67 3.51 18.92
CA SER D 19 -22.10 4.38 17.88
C SER D 19 -23.22 5.24 17.29
N ASP D 20 -22.86 6.28 16.55
CA ASP D 20 -23.87 7.14 15.95
C ASP D 20 -24.73 6.43 14.91
N ARG D 21 -24.10 5.70 13.98
CA ARG D 21 -24.84 4.99 12.95
C ARG D 21 -25.94 4.10 13.56
N PHE D 22 -25.70 3.56 14.75
CA PHE D 22 -26.69 2.72 15.41
C PHE D 22 -27.96 3.50 15.75
N LEU D 23 -27.78 4.67 16.36
CA LEU D 23 -28.91 5.53 16.74
C LEU D 23 -29.64 6.00 15.48
N GLU D 24 -28.89 6.20 14.42
CA GLU D 24 -29.47 6.63 13.17
C GLU D 24 -30.37 5.50 12.68
N LEU D 25 -29.79 4.31 12.55
CA LEU D 25 -30.50 3.11 12.09
C LEU D 25 -31.76 2.77 12.88
N THR D 26 -31.71 2.89 14.20
CA THR D 26 -32.88 2.56 15.01
C THR D 26 -33.77 3.75 15.35
N GLU D 27 -33.37 4.95 14.96
CA GLU D 27 -34.15 6.15 15.22
C GLU D 27 -34.34 6.51 16.70
N TYR D 28 -33.54 5.92 17.59
CA TYR D 28 -33.67 6.24 19.01
C TYR D 28 -32.64 7.31 19.41
N THR D 29 -32.77 7.80 20.63
CA THR D 29 -31.85 8.80 21.13
C THR D 29 -30.99 8.17 22.22
N ARG D 30 -29.70 8.52 22.22
CA ARG D 30 -28.75 7.97 23.19
C ARG D 30 -29.25 7.88 24.62
N GLU D 31 -30.02 8.88 25.06
CA GLU D 31 -30.53 8.85 26.42
C GLU D 31 -31.50 7.69 26.63
N GLU D 32 -32.17 7.29 25.55
CA GLU D 32 -33.13 6.19 25.63
C GLU D 32 -32.48 4.80 25.70
N VAL D 33 -31.50 4.56 24.82
CA VAL D 33 -30.81 3.27 24.78
C VAL D 33 -29.91 2.97 25.98
N LEU D 34 -28.93 3.83 26.26
CA LEU D 34 -28.01 3.62 27.37
C LEU D 34 -28.64 3.13 28.66
N GLY D 35 -28.13 2.02 29.18
CA GLY D 35 -28.66 1.48 30.43
C GLY D 35 -29.69 0.40 30.19
N ASN D 36 -30.14 0.27 28.94
CA ASN D 36 -31.14 -0.74 28.61
C ASN D 36 -30.62 -1.93 27.85
N ASN D 37 -31.20 -3.09 28.12
CA ASN D 37 -30.85 -4.31 27.43
C ASN D 37 -31.38 -4.13 26.00
N CYS D 38 -30.62 -4.61 25.03
CA CYS D 38 -30.95 -4.48 23.62
C CYS D 38 -32.31 -5.07 23.15
N ARG D 39 -32.81 -6.08 23.86
CA ARG D 39 -34.07 -6.72 23.48
C ARG D 39 -35.25 -5.79 23.17
N PHE D 40 -35.15 -4.51 23.53
CA PHE D 40 -36.26 -3.59 23.25
C PHE D 40 -36.41 -3.30 21.76
N LEU D 41 -35.64 -3.99 20.93
CA LEU D 41 -35.72 -3.79 19.49
C LEU D 41 -36.58 -4.87 18.83
N GLN D 42 -36.92 -5.90 19.60
CA GLN D 42 -37.74 -7.00 19.10
C GLN D 42 -39.22 -6.64 19.09
N GLY D 43 -40.01 -7.44 18.37
CA GLY D 43 -41.43 -7.18 18.27
C GLY D 43 -42.24 -8.43 17.97
N ARG D 44 -43.51 -8.24 17.65
CA ARG D 44 -44.41 -9.35 17.37
C ARG D 44 -43.96 -10.28 16.22
N GLY D 45 -43.35 -9.70 15.18
CA GLY D 45 -42.90 -10.52 14.06
C GLY D 45 -41.54 -11.16 14.21
N THR D 46 -40.86 -10.91 15.33
CA THR D 46 -39.53 -11.47 15.59
C THR D 46 -39.54 -12.96 15.90
N ASP D 47 -38.79 -13.74 15.13
CA ASP D 47 -38.72 -15.17 15.34
C ASP D 47 -38.05 -15.48 16.68
N ARG D 48 -38.70 -16.30 17.51
CA ARG D 48 -38.12 -16.63 18.81
C ARG D 48 -37.01 -17.69 18.74
N LYS D 49 -36.98 -18.48 17.67
CA LYS D 49 -35.93 -19.49 17.51
C LYS D 49 -34.61 -18.75 17.36
N ALA D 50 -34.67 -17.57 16.75
CA ALA D 50 -33.50 -16.73 16.54
C ALA D 50 -33.08 -16.11 17.87
N VAL D 51 -34.04 -15.54 18.58
CA VAL D 51 -33.77 -14.95 19.87
C VAL D 51 -33.21 -16.02 20.83
N GLN D 52 -33.56 -17.28 20.59
CA GLN D 52 -33.07 -18.36 21.45
C GLN D 52 -31.58 -18.52 21.24
N LEU D 53 -31.16 -18.57 19.97
CA LEU D 53 -29.75 -18.70 19.63
C LEU D 53 -28.93 -17.62 20.33
N ILE D 54 -29.31 -16.37 20.09
CA ILE D 54 -28.64 -15.22 20.68
C ILE D 54 -28.50 -15.42 22.19
N ARG D 55 -29.58 -15.86 22.82
CA ARG D 55 -29.56 -16.11 24.26
C ARG D 55 -28.50 -17.15 24.63
N ASP D 56 -28.38 -18.20 23.82
CA ASP D 56 -27.40 -19.27 24.06
C ASP D 56 -25.98 -18.76 23.94
N ALA D 57 -25.67 -18.16 22.80
CA ALA D 57 -24.34 -17.60 22.56
C ALA D 57 -23.92 -16.76 23.74
N VAL D 58 -24.81 -15.87 24.20
CA VAL D 58 -24.50 -14.99 25.32
C VAL D 58 -24.16 -15.76 26.60
N LYS D 59 -25.06 -16.63 27.04
CA LYS D 59 -24.83 -17.42 28.26
C LYS D 59 -23.59 -18.26 28.10
N GLU D 60 -23.51 -19.02 27.01
CA GLU D 60 -22.36 -19.87 26.73
C GLU D 60 -21.14 -19.00 26.39
N GLN D 61 -21.37 -17.69 26.23
CA GLN D 61 -20.34 -16.71 25.93
C GLN D 61 -19.50 -17.02 24.68
N ARG D 62 -20.17 -17.18 23.54
CA ARG D 62 -19.49 -17.49 22.28
C ARG D 62 -19.85 -16.46 21.22
N ASP D 63 -19.24 -16.60 20.05
CA ASP D 63 -19.52 -15.72 18.93
C ASP D 63 -20.73 -16.32 18.23
N VAL D 64 -21.42 -15.51 17.44
CA VAL D 64 -22.58 -15.93 16.66
C VAL D 64 -22.90 -14.86 15.64
N THR D 65 -23.61 -15.25 14.60
CA THR D 65 -24.04 -14.33 13.56
C THR D 65 -25.46 -14.73 13.22
N VAL D 66 -26.42 -14.04 13.81
CA VAL D 66 -27.81 -14.35 13.56
C VAL D 66 -28.52 -13.23 12.82
N GLN D 67 -29.45 -13.62 11.97
CA GLN D 67 -30.25 -12.66 11.22
C GLN D 67 -31.53 -12.58 12.06
N VAL D 68 -31.86 -11.39 12.54
CA VAL D 68 -33.06 -11.23 13.37
C VAL D 68 -33.89 -10.03 12.91
N LEU D 69 -35.20 -10.07 13.13
CA LEU D 69 -36.09 -8.99 12.72
C LEU D 69 -36.27 -7.99 13.84
N ASN D 70 -36.08 -6.71 13.55
CA ASN D 70 -36.24 -5.69 14.59
C ASN D 70 -37.15 -4.58 14.11
N TYR D 71 -37.41 -3.64 15.01
CA TYR D 71 -38.29 -2.52 14.68
C TYR D 71 -37.66 -1.21 15.14
N THR D 72 -37.63 -0.21 14.25
CA THR D 72 -37.09 1.10 14.61
C THR D 72 -38.06 1.69 15.61
N LYS D 73 -37.70 2.85 16.18
CA LYS D 73 -38.58 3.49 17.16
C LYS D 73 -39.90 3.89 16.52
N GLY D 74 -39.82 4.26 15.24
CA GLY D 74 -41.01 4.66 14.50
C GLY D 74 -42.02 3.55 14.29
N GLY D 75 -41.54 2.30 14.20
CA GLY D 75 -42.44 1.19 14.00
C GLY D 75 -42.11 0.40 12.75
N ARG D 76 -41.19 0.92 11.95
CA ARG D 76 -40.76 0.24 10.73
C ARG D 76 -39.93 -0.99 11.05
N ALA D 77 -40.28 -2.11 10.43
CA ALA D 77 -39.54 -3.34 10.65
C ALA D 77 -38.37 -3.43 9.69
N PHE D 78 -37.26 -3.98 10.16
CA PHE D 78 -36.08 -4.15 9.33
C PHE D 78 -35.31 -5.39 9.70
N TRP D 79 -34.56 -5.92 8.75
CA TRP D 79 -33.75 -7.10 8.98
C TRP D 79 -32.44 -6.64 9.56
N ASN D 80 -31.98 -7.33 10.59
CA ASN D 80 -30.77 -6.99 11.27
C ASN D 80 -29.79 -8.15 11.22
N LEU D 81 -28.73 -8.00 10.41
CA LEU D 81 -27.68 -9.00 10.30
C LEU D 81 -26.81 -8.67 11.50
N PHE D 82 -27.04 -9.41 12.57
CA PHE D 82 -26.35 -9.19 13.82
C PHE D 82 -25.19 -10.14 14.07
N HIS D 83 -24.04 -9.57 14.42
CA HIS D 83 -22.83 -10.33 14.73
C HIS D 83 -22.36 -10.02 16.16
N LEU D 84 -22.17 -11.09 16.94
CA LEU D 84 -21.75 -10.98 18.32
C LEU D 84 -20.29 -11.38 18.52
N GLN D 85 -19.60 -10.68 19.43
CA GLN D 85 -18.21 -10.97 19.74
C GLN D 85 -17.89 -10.68 21.20
N VAL D 86 -17.05 -11.51 21.80
CA VAL D 86 -16.70 -11.37 23.21
C VAL D 86 -15.37 -10.68 23.48
N MET D 87 -15.44 -9.66 24.34
CA MET D 87 -14.27 -8.91 24.74
C MET D 87 -13.72 -9.67 25.92
N ARG D 88 -12.94 -10.71 25.64
CA ARG D 88 -12.39 -11.49 26.74
C ARG D 88 -11.33 -10.65 27.41
N ASP D 89 -11.21 -9.42 26.95
CA ASP D 89 -10.27 -8.46 27.53
C ASP D 89 -10.22 -8.76 29.01
N GLU D 90 -9.17 -9.46 29.39
CA GLU D 90 -8.99 -9.85 30.77
C GLU D 90 -7.84 -10.82 30.70
N ASN D 91 -8.14 -12.06 31.04
CA ASN D 91 -7.20 -13.16 31.05
C ASN D 91 -8.11 -14.34 31.34
N GLY D 92 -9.06 -14.53 30.42
CA GLY D 92 -10.03 -15.59 30.53
C GLY D 92 -11.41 -15.01 30.73
N ASP D 93 -11.53 -14.06 31.67
CA ASP D 93 -12.81 -13.45 31.97
C ASP D 93 -13.36 -12.50 30.91
N VAL D 94 -14.67 -12.59 30.69
CA VAL D 94 -15.37 -11.75 29.73
C VAL D 94 -15.57 -10.38 30.37
N GLN D 95 -15.25 -9.33 29.63
CA GLN D 95 -15.38 -7.98 30.15
C GLN D 95 -16.52 -7.24 29.45
N TYR D 96 -16.62 -7.40 28.13
CA TYR D 96 -17.65 -6.74 27.36
C TYR D 96 -18.13 -7.60 26.21
N PHE D 97 -19.29 -7.24 25.68
CA PHE D 97 -19.85 -7.90 24.52
C PHE D 97 -19.92 -6.79 23.48
N ILE D 98 -19.45 -7.09 22.27
CA ILE D 98 -19.47 -6.12 21.19
C ILE D 98 -20.47 -6.61 20.15
N GLY D 99 -21.40 -5.73 19.75
CA GLY D 99 -22.38 -6.14 18.76
C GLY D 99 -22.39 -5.25 17.53
N VAL D 100 -22.27 -5.86 16.36
CA VAL D 100 -22.30 -5.10 15.10
C VAL D 100 -23.66 -5.34 14.46
N GLN D 101 -24.35 -4.26 14.08
CA GLN D 101 -25.67 -4.36 13.45
C GLN D 101 -25.69 -3.86 12.02
N GLN D 102 -26.39 -4.58 11.14
CA GLN D 102 -26.45 -4.19 9.73
C GLN D 102 -27.84 -4.30 9.11
N GLU D 103 -28.39 -3.20 8.62
CA GLU D 103 -29.70 -3.30 7.97
C GLU D 103 -29.51 -4.06 6.66
N MET D 104 -30.17 -5.19 6.52
CA MET D 104 -30.01 -5.98 5.32
C MET D 104 -31.33 -6.24 4.63
#